data_4UON
#
_entry.id   4UON
#
_cell.length_a   53.560
_cell.length_b   71.350
_cell.length_c   61.510
_cell.angle_alpha   90.00
_cell.angle_beta   114.33
_cell.angle_gamma   90.00
#
_symmetry.space_group_name_H-M   'P 1 21 1'
#
loop_
_entity.id
_entity.type
_entity.pdbx_description
1 polymer 'CAPSID PROTEASE'
2 non-polymer GLYCEROL
3 water water
#
_entity_poly.entity_id   1
_entity_poly.type   'polypeptide(L)'
_entity_poly.pdbx_seq_one_letter_code
;HMALKFEADRTFAVKNEDGKIMGYAVAMEGKVIKPLHVKGTIDHPALAKLKFTKSSSYDMEFAKLPTEMKSDAFGYTTEH
PEGFYNWHHGAVQFSGGRFTIPTGAGGPGDSGRPILDNSGKVVAIVLGGANEGARTALSVVTWNKKGAAIKTTHEDTV
;
_entity_poly.pdbx_strand_id   A,B
#
# COMPACT_ATOMS: atom_id res chain seq x y z
N HIS A 1 -32.71 -17.07 -18.86
CA HIS A 1 -31.94 -16.16 -17.96
C HIS A 1 -31.27 -15.02 -18.71
N MET A 2 -31.12 -13.89 -18.03
CA MET A 2 -30.44 -12.75 -18.62
C MET A 2 -28.96 -13.06 -18.71
N ALA A 3 -27.86 -12.46 -19.91
CA ALA A 3 -26.45 -12.79 -20.00
C ALA A 3 -25.89 -12.90 -18.59
N LEU A 4 -25.10 -13.94 -18.36
CA LEU A 4 -24.43 -14.14 -17.08
C LEU A 4 -23.40 -13.06 -16.80
N LYS A 5 -23.40 -12.55 -15.56
CA LYS A 5 -22.42 -11.54 -15.14
C LYS A 5 -21.29 -12.20 -14.37
N PHE A 6 -20.09 -11.68 -14.55
CA PHE A 6 -18.89 -12.32 -13.97
C PHE A 6 -18.11 -11.37 -13.08
N GLU A 7 -18.55 -10.11 -13.00
CA GLU A 7 -17.95 -9.10 -12.10
C GLU A 7 -19.01 -8.45 -11.21
N ALA A 8 -18.61 -8.14 -9.99
CA ALA A 8 -19.44 -7.49 -8.98
C ALA A 8 -19.52 -6.01 -9.33
N ASP A 9 -20.69 -5.42 -9.20
CA ASP A 9 -20.88 -4.00 -9.46
C ASP A 9 -20.87 -3.29 -8.10
N ARG A 10 -19.87 -2.46 -7.85
CA ARG A 10 -19.79 -1.73 -6.55
C ARG A 10 -19.22 -0.31 -6.56
N THR A 11 -18.76 0.13 -7.72
CA THR A 11 -18.39 1.53 -7.94
C THR A 11 -19.20 2.04 -9.10
N PHE A 12 -19.79 3.23 -8.94
CA PHE A 12 -20.74 3.68 -10.00
C PHE A 12 -20.51 5.15 -10.37
N ALA A 13 -20.37 5.46 -11.67
CA ALA A 13 -20.20 6.86 -12.04
C ALA A 13 -21.48 7.66 -11.77
N VAL A 14 -21.31 8.92 -11.37
CA VAL A 14 -22.40 9.89 -11.23
C VAL A 14 -22.19 10.91 -12.36
N LYS A 15 -23.19 11.08 -13.21
CA LYS A 15 -23.02 11.90 -14.42
C LYS A 15 -24.04 13.01 -14.46
N ASN A 16 -23.65 14.14 -15.03
CA ASN A 16 -24.62 15.21 -15.30
C ASN A 16 -25.43 14.84 -16.56
N GLU A 17 -26.36 15.72 -17.00
CA GLU A 17 -27.23 15.53 -18.19
CA GLU A 17 -27.22 15.34 -18.15
C GLU A 17 -26.42 15.25 -19.45
N ASP A 18 -25.28 15.96 -19.55
CA ASP A 18 -24.38 15.83 -20.70
C ASP A 18 -23.67 14.48 -20.75
N GLY A 19 -23.65 13.76 -19.63
CA GLY A 19 -22.93 12.50 -19.49
C GLY A 19 -21.51 12.65 -18.99
N LYS A 20 -21.15 13.85 -18.51
CA LYS A 20 -19.86 14.09 -17.88
C LYS A 20 -19.82 13.40 -16.52
N ILE A 21 -18.73 12.67 -16.26
CA ILE A 21 -18.54 12.02 -14.95
C ILE A 21 -18.21 13.08 -13.92
N MET A 22 -19.08 13.21 -12.91
CA MET A 22 -18.93 14.23 -11.88
C MET A 22 -18.24 13.66 -10.65
N GLY A 23 -18.22 12.34 -10.56
CA GLY A 23 -17.67 11.66 -9.37
C GLY A 23 -18.28 10.27 -9.28
N TYR A 24 -18.09 9.61 -8.13
CA TYR A 24 -18.47 8.22 -7.97
C TYR A 24 -19.31 7.96 -6.73
N ALA A 25 -20.14 6.92 -6.81
CA ALA A 25 -20.82 6.36 -5.64
C ALA A 25 -20.25 4.94 -5.43
N VAL A 26 -20.29 4.44 -4.19
CA VAL A 26 -19.91 3.04 -3.94
C VAL A 26 -21.02 2.28 -3.27
N ALA A 27 -21.07 0.97 -3.51
CA ALA A 27 -21.85 0.07 -2.68
C ALA A 27 -20.92 -0.45 -1.58
N MET A 28 -21.28 -0.21 -0.33
CA MET A 28 -20.41 -0.54 0.80
C MET A 28 -21.26 -0.78 2.05
N GLU A 29 -21.04 -1.91 2.73
CA GLU A 29 -21.67 -2.18 4.03
C GLU A 29 -23.19 -1.88 4.00
N GLY A 30 -23.91 -2.43 3.00
CA GLY A 30 -25.39 -2.32 2.95
C GLY A 30 -25.95 -1.01 2.43
N LYS A 31 -25.10 -0.07 2.03
CA LYS A 31 -25.54 1.24 1.55
C LYS A 31 -24.93 1.60 0.20
N VAL A 32 -25.60 2.49 -0.53
CA VAL A 32 -24.93 3.21 -1.59
C VAL A 32 -24.54 4.57 -1.02
N ILE A 33 -23.29 4.95 -1.21
CA ILE A 33 -22.71 6.12 -0.54
C ILE A 33 -21.97 6.96 -1.59
N LYS A 34 -22.19 8.27 -1.56
CA LYS A 34 -21.50 9.20 -2.50
C LYS A 34 -21.29 10.54 -1.82
N PRO A 35 -20.31 11.33 -2.30
CA PRO A 35 -20.16 12.68 -1.74
C PRO A 35 -21.38 13.49 -2.09
N LEU A 36 -21.89 14.28 -1.14
CA LEU A 36 -23.02 15.17 -1.44
C LEU A 36 -22.74 16.16 -2.59
N HIS A 37 -21.52 16.71 -2.62
CA HIS A 37 -21.19 17.79 -3.57
C HIS A 37 -21.10 17.25 -5.01
N VAL A 38 -21.06 15.92 -5.13
CA VAL A 38 -21.03 15.27 -6.45
C VAL A 38 -22.45 15.22 -7.04
N LYS A 39 -22.70 16.09 -8.03
CA LYS A 39 -24.08 16.33 -8.50
C LYS A 39 -24.40 15.66 -9.84
N GLY A 40 -25.45 14.85 -9.86
CA GLY A 40 -25.89 14.23 -11.10
C GLY A 40 -26.61 12.96 -10.76
N THR A 41 -26.66 12.05 -11.71
CA THR A 41 -27.38 10.80 -11.52
C THR A 41 -26.47 9.56 -11.72
N ILE A 42 -26.72 8.51 -10.94
CA ILE A 42 -26.03 7.20 -11.14
C ILE A 42 -26.69 6.44 -12.30
N ASP A 43 -25.93 6.13 -13.37
N ASP A 43 -25.95 6.08 -13.36
CA ASP A 43 -26.45 5.31 -14.49
CA ASP A 43 -26.59 5.41 -14.50
C ASP A 43 -26.41 3.89 -13.95
C ASP A 43 -26.76 3.90 -14.25
N HIS A 44 -27.42 3.59 -13.14
CA HIS A 44 -27.74 2.24 -12.74
C HIS A 44 -29.23 2.25 -12.45
N PRO A 45 -29.97 1.34 -13.08
CA PRO A 45 -31.44 1.36 -13.04
C PRO A 45 -32.01 1.22 -11.63
N ALA A 46 -31.36 0.45 -10.76
CA ALA A 46 -31.83 0.27 -9.40
C ALA A 46 -31.44 1.42 -8.47
N LEU A 47 -30.20 1.91 -8.59
CA LEU A 47 -29.70 3.00 -7.75
C LEU A 47 -30.35 4.33 -8.04
N ALA A 48 -30.61 4.61 -9.31
CA ALA A 48 -31.16 5.88 -9.74
C ALA A 48 -32.57 6.16 -9.18
N LYS A 49 -33.28 5.10 -8.80
CA LYS A 49 -34.62 5.23 -8.22
C LYS A 49 -34.62 5.50 -6.72
N LEU A 50 -33.46 5.34 -6.06
CA LEU A 50 -33.46 5.41 -4.60
C LEU A 50 -33.60 6.85 -4.09
N LYS A 51 -34.14 6.99 -2.90
CA LYS A 51 -34.19 8.31 -2.27
C LYS A 51 -33.05 8.39 -1.26
N PHE A 52 -32.18 9.37 -1.45
CA PHE A 52 -30.95 9.50 -0.67
C PHE A 52 -31.15 10.38 0.56
N THR A 53 -30.49 10.02 1.65
CA THR A 53 -30.48 10.82 2.87
C THR A 53 -29.23 11.68 2.79
N LYS A 54 -29.36 12.99 3.04
CA LYS A 54 -28.23 13.91 2.97
C LYS A 54 -27.62 14.06 4.35
N SER A 55 -26.29 14.10 4.38
CA SER A 55 -25.57 14.45 5.61
C SER A 55 -24.51 15.47 5.22
N SER A 56 -24.94 16.73 5.12
CA SER A 56 -24.10 17.80 4.62
C SER A 56 -22.84 18.05 5.48
N SER A 57 -22.86 17.70 6.76
CA SER A 57 -21.69 17.99 7.59
C SER A 57 -20.53 17.05 7.28
N TYR A 58 -20.80 15.90 6.65
CA TYR A 58 -19.73 14.98 6.21
C TYR A 58 -19.57 15.01 4.69
N ASP A 59 -20.27 15.94 4.04
CA ASP A 59 -20.34 15.97 2.57
C ASP A 59 -20.73 14.59 2.02
N MET A 60 -21.70 13.93 2.67
CA MET A 60 -22.12 12.61 2.30
C MET A 60 -23.61 12.57 1.95
N GLU A 61 -23.98 11.69 1.04
CA GLU A 61 -25.38 11.26 0.97
C GLU A 61 -25.44 9.76 0.70
N PHE A 62 -26.49 9.13 1.21
CA PHE A 62 -26.53 7.66 1.21
C PHE A 62 -27.96 7.10 1.11
N ALA A 63 -28.07 5.83 0.69
CA ALA A 63 -29.35 5.13 0.75
C ALA A 63 -29.10 3.65 1.03
N LYS A 64 -30.11 2.97 1.54
CA LYS A 64 -30.01 1.53 1.70
C LYS A 64 -29.85 0.83 0.33
N LEU A 65 -28.93 -0.11 0.23
CA LEU A 65 -28.78 -0.84 -1.03
C LEU A 65 -30.03 -1.67 -1.35
N PRO A 66 -30.37 -1.79 -2.64
CA PRO A 66 -31.34 -2.82 -3.03
C PRO A 66 -30.82 -4.18 -2.59
N THR A 67 -31.73 -5.01 -2.11
CA THR A 67 -31.37 -6.31 -1.57
C THR A 67 -30.43 -7.14 -2.46
N GLU A 68 -30.68 -7.14 -3.76
CA GLU A 68 -29.90 -7.96 -4.70
C GLU A 68 -28.45 -7.46 -4.90
N MET A 69 -28.19 -6.27 -4.38
CA MET A 69 -26.87 -5.63 -4.52
C MET A 69 -26.02 -5.74 -3.24
N LYS A 70 -26.59 -6.29 -2.18
CA LYS A 70 -25.91 -6.32 -0.88
C LYS A 70 -24.62 -7.15 -0.84
N SER A 71 -24.69 -8.35 -1.42
CA SER A 71 -23.58 -9.29 -1.39
CA SER A 71 -23.58 -9.29 -1.37
C SER A 71 -22.35 -8.79 -2.13
N ASP A 72 -22.57 -7.96 -3.15
CA ASP A 72 -21.46 -7.48 -3.94
C ASP A 72 -20.78 -6.19 -3.45
N ALA A 73 -21.24 -5.64 -2.33
CA ALA A 73 -20.71 -4.37 -1.79
C ALA A 73 -19.31 -4.54 -1.21
N PHE A 74 -18.54 -3.44 -1.16
CA PHE A 74 -17.28 -3.38 -0.43
C PHE A 74 -17.52 -3.62 1.04
N GLY A 75 -16.53 -4.22 1.68
CA GLY A 75 -16.40 -4.19 3.13
C GLY A 75 -15.57 -2.99 3.53
N TYR A 76 -15.86 -2.44 4.71
CA TYR A 76 -15.07 -1.34 5.24
C TYR A 76 -14.19 -1.85 6.39
N THR A 77 -13.01 -1.26 6.56
CA THR A 77 -12.22 -1.54 7.76
C THR A 77 -11.79 -0.23 8.44
N THR A 78 -11.81 -0.26 9.77
CA THR A 78 -11.38 0.88 10.53
C THR A 78 -9.85 0.87 10.64
N GLU A 79 -9.20 -0.24 10.27
CA GLU A 79 -7.76 -0.32 10.44
C GLU A 79 -7.01 0.35 9.30
N HIS A 80 -6.40 1.49 9.62
CA HIS A 80 -5.51 2.14 8.65
C HIS A 80 -4.14 2.59 9.21
N PRO A 81 -3.24 1.63 9.46
CA PRO A 81 -1.89 1.95 9.94
C PRO A 81 -1.18 2.82 8.92
N GLU A 82 -0.20 3.59 9.37
CA GLU A 82 0.69 4.31 8.43
C GLU A 82 1.25 3.35 7.40
N GLY A 83 1.34 3.83 6.16
CA GLY A 83 1.87 3.01 5.08
C GLY A 83 1.39 3.49 3.75
N PHE A 84 1.12 2.53 2.87
CA PHE A 84 0.58 2.82 1.56
C PHE A 84 -0.66 1.99 1.29
N TYR A 85 -1.58 2.60 0.56
CA TYR A 85 -2.89 2.06 0.19
C TYR A 85 -3.08 2.19 -1.32
N ASN A 86 -4.26 1.79 -1.80
CA ASN A 86 -4.53 1.70 -3.22
C ASN A 86 -5.74 2.53 -3.58
N TRP A 87 -5.70 3.18 -4.75
CA TRP A 87 -6.93 3.63 -5.39
C TRP A 87 -6.78 3.52 -6.89
N HIS A 88 -7.81 3.94 -7.61
CA HIS A 88 -7.90 3.70 -9.04
C HIS A 88 -6.65 4.21 -9.76
N HIS A 89 -6.10 5.30 -9.25
CA HIS A 89 -5.00 5.97 -9.95
C HIS A 89 -3.61 5.68 -9.40
N GLY A 90 -3.52 4.71 -8.48
CA GLY A 90 -2.23 4.23 -7.97
C GLY A 90 -2.12 4.22 -6.44
N ALA A 91 -0.92 4.53 -5.93
CA ALA A 91 -0.65 4.51 -4.47
C ALA A 91 -1.20 5.72 -3.73
N VAL A 92 -1.69 5.46 -2.52
CA VAL A 92 -2.17 6.51 -1.63
C VAL A 92 -1.40 6.35 -0.34
N GLN A 93 -0.61 7.34 0.01
CA GLN A 93 0.15 7.26 1.25
C GLN A 93 -0.73 7.61 2.44
N PHE A 94 -0.56 6.92 3.55
CA PHE A 94 -1.07 7.43 4.80
C PHE A 94 0.08 7.66 5.75
N SER A 95 0.32 8.93 6.09
CA SER A 95 1.43 9.32 6.99
C SER A 95 1.07 10.65 7.64
N GLY A 96 1.51 10.82 8.89
CA GLY A 96 1.24 12.05 9.65
C GLY A 96 -0.25 12.36 9.70
N GLY A 97 -1.07 11.33 9.82
CA GLY A 97 -2.52 11.47 9.88
C GLY A 97 -3.24 11.91 8.61
N ARG A 98 -2.55 11.94 7.47
CA ARG A 98 -3.21 12.37 6.22
C ARG A 98 -3.01 11.38 5.10
N PHE A 99 -4.05 11.25 4.26
CA PHE A 99 -3.90 10.53 2.99
C PHE A 99 -3.40 11.51 1.94
N THR A 100 -2.31 11.13 1.28
CA THR A 100 -1.80 11.93 0.17
C THR A 100 -1.52 11.11 -1.07
N ILE A 101 -1.50 11.78 -2.21
CA ILE A 101 -1.21 11.16 -3.51
C ILE A 101 -0.24 12.06 -4.30
N PRO A 102 0.41 11.53 -5.34
CA PRO A 102 1.15 12.45 -6.23
C PRO A 102 0.17 13.39 -6.93
N THR A 103 0.55 14.65 -6.99
CA THR A 103 -0.31 15.62 -7.61
C THR A 103 -0.51 15.20 -9.07
N GLY A 104 -1.73 15.39 -9.57
CA GLY A 104 -2.04 15.00 -10.95
C GLY A 104 -2.34 13.51 -11.15
N ALA A 105 -2.22 12.69 -10.10
CA ALA A 105 -2.79 11.33 -10.16
C ALA A 105 -4.30 11.47 -10.20
N GLY A 106 -4.86 12.25 -9.30
CA GLY A 106 -6.30 12.48 -9.41
C GLY A 106 -6.74 13.24 -10.66
N GLY A 107 -8.06 13.44 -10.74
CA GLY A 107 -8.65 14.49 -11.56
C GLY A 107 -9.85 15.08 -10.83
N PRO A 108 -10.40 16.17 -11.38
CA PRO A 108 -11.67 16.72 -10.85
C PRO A 108 -12.79 15.67 -10.67
N GLY A 109 -12.90 14.69 -11.58
CA GLY A 109 -14.00 13.73 -11.50
C GLY A 109 -13.81 12.50 -10.61
N ASP A 110 -12.79 12.48 -9.78
CA ASP A 110 -12.53 11.29 -8.95
C ASP A 110 -13.04 11.32 -7.52
N SER A 111 -13.84 12.33 -7.18
N SER A 111 -13.80 12.35 -7.15
CA SER A 111 -14.46 12.39 -5.86
CA SER A 111 -14.34 12.34 -5.80
C SER A 111 -15.44 11.23 -5.68
C SER A 111 -15.39 11.24 -5.67
N GLY A 112 -15.40 10.61 -4.50
CA GLY A 112 -16.27 9.46 -4.23
C GLY A 112 -15.60 8.10 -4.36
N ARG A 113 -14.41 8.06 -5.00
CA ARG A 113 -13.67 6.81 -5.15
C ARG A 113 -13.18 6.33 -3.79
N PRO A 114 -13.12 5.00 -3.60
CA PRO A 114 -12.56 4.50 -2.33
C PRO A 114 -11.03 4.39 -2.35
N ILE A 115 -10.46 4.44 -1.17
CA ILE A 115 -9.05 4.05 -0.94
C ILE A 115 -9.15 2.69 -0.26
N LEU A 116 -8.33 1.72 -0.71
CA LEU A 116 -8.46 0.32 -0.28
C LEU A 116 -7.14 -0.22 0.26
N ASP A 117 -7.21 -1.10 1.25
CA ASP A 117 -5.98 -1.81 1.59
C ASP A 117 -5.74 -2.95 0.58
N ASN A 118 -4.65 -3.67 0.78
CA ASN A 118 -4.27 -4.70 -0.17
C ASN A 118 -5.22 -5.90 -0.14
N SER A 119 -5.95 -6.07 0.96
CA SER A 119 -6.93 -7.17 1.01
C SER A 119 -8.23 -6.80 0.30
N GLY A 120 -8.33 -5.56 -0.16
CA GLY A 120 -9.50 -5.08 -0.88
C GLY A 120 -10.60 -4.47 -0.01
N LYS A 121 -10.32 -4.26 1.28
CA LYS A 121 -11.23 -3.48 2.12
C LYS A 121 -11.08 -1.96 1.92
N VAL A 122 -12.18 -1.22 2.01
CA VAL A 122 -12.14 0.24 1.93
C VAL A 122 -11.70 0.78 3.28
N VAL A 123 -10.75 1.74 3.27
CA VAL A 123 -10.33 2.43 4.49
C VAL A 123 -10.85 3.89 4.57
N ALA A 124 -11.25 4.44 3.42
CA ALA A 124 -11.71 5.85 3.36
C ALA A 124 -12.36 6.10 2.00
N ILE A 125 -13.17 7.15 1.94
CA ILE A 125 -13.76 7.60 0.69
C ILE A 125 -13.19 8.97 0.38
N VAL A 126 -12.75 9.18 -0.87
CA VAL A 126 -12.14 10.48 -1.24
C VAL A 126 -13.23 11.56 -1.42
N LEU A 127 -13.08 12.71 -0.76
CA LEU A 127 -13.94 13.86 -1.04
C LEU A 127 -13.31 14.86 -2.01
N GLY A 128 -12.05 15.17 -1.80
CA GLY A 128 -11.33 16.17 -2.60
C GLY A 128 -9.86 16.12 -2.27
N GLY A 129 -9.09 17.06 -2.82
CA GLY A 129 -7.64 17.10 -2.60
C GLY A 129 -7.19 18.55 -2.57
N ALA A 130 -6.21 18.84 -1.72
CA ALA A 130 -5.54 20.14 -1.67
C ALA A 130 -4.17 20.01 -2.34
N ASN A 131 -3.98 20.75 -3.43
CA ASN A 131 -2.74 20.71 -4.19
C ASN A 131 -1.63 21.43 -3.42
N GLU A 132 -0.63 20.67 -2.96
CA GLU A 132 0.48 21.25 -2.20
C GLU A 132 1.77 21.23 -3.02
N GLY A 133 1.65 21.08 -4.34
CA GLY A 133 2.83 21.02 -5.20
C GLY A 133 3.05 19.59 -5.66
N ALA A 134 4.16 18.98 -5.24
CA ALA A 134 4.47 17.58 -5.61
C ALA A 134 3.37 16.60 -5.16
N ARG A 135 2.82 16.86 -3.98
CA ARG A 135 1.81 16.03 -3.33
C ARG A 135 0.46 16.76 -3.21
N THR A 136 -0.61 15.97 -3.16
CA THR A 136 -1.95 16.49 -2.97
C THR A 136 -2.49 15.78 -1.72
N ALA A 137 -3.00 16.55 -0.77
CA ALA A 137 -3.49 15.99 0.47
C ALA A 137 -4.99 15.82 0.32
N LEU A 138 -5.48 14.62 0.61
CA LEU A 138 -6.88 14.30 0.31
C LEU A 138 -7.76 14.60 1.51
N SER A 139 -8.93 15.14 1.22
CA SER A 139 -10.01 15.24 2.18
CA SER A 139 -10.01 15.23 2.19
C SER A 139 -10.83 13.94 2.08
N VAL A 140 -11.10 13.29 3.21
CA VAL A 140 -11.75 11.97 3.18
C VAL A 140 -12.82 11.81 4.25
N VAL A 141 -13.68 10.82 4.01
CA VAL A 141 -14.53 10.30 5.07
C VAL A 141 -14.03 8.94 5.50
N THR A 142 -13.96 8.75 6.81
CA THR A 142 -13.73 7.46 7.40
C THR A 142 -14.81 7.26 8.44
N TRP A 143 -14.85 6.06 9.01
CA TRP A 143 -15.77 5.79 10.13
C TRP A 143 -14.96 5.09 11.20
N ASN A 144 -15.29 5.35 12.46
CA ASN A 144 -14.59 4.70 13.58
C ASN A 144 -15.22 3.37 13.98
N LYS A 145 -14.75 2.81 15.08
CA LYS A 145 -15.19 1.48 15.51
C LYS A 145 -16.65 1.49 15.96
N LYS A 146 -17.19 2.66 16.28
CA LYS A 146 -18.60 2.75 16.64
C LYS A 146 -19.48 3.00 15.42
N GLY A 147 -18.86 3.11 14.24
CA GLY A 147 -19.59 3.36 12.99
C GLY A 147 -19.75 4.84 12.74
N ALA A 148 -19.20 5.69 13.60
CA ALA A 148 -19.41 7.16 13.48
C ALA A 148 -18.60 7.74 12.33
N ALA A 149 -19.24 8.57 11.51
CA ALA A 149 -18.54 9.23 10.40
C ALA A 149 -17.54 10.27 10.90
N ILE A 150 -16.45 10.41 10.15
CA ILE A 150 -15.42 11.42 10.41
C ILE A 150 -15.01 12.03 9.07
N LYS A 151 -15.10 13.35 8.95
CA LYS A 151 -14.60 14.02 7.76
C LYS A 151 -13.30 14.71 8.13
N THR A 152 -12.24 14.45 7.38
CA THR A 152 -10.95 15.05 7.64
C THR A 152 -10.53 15.80 6.39
N THR A 153 -10.31 17.11 6.51
CA THR A 153 -9.95 17.94 5.35
C THR A 153 -8.70 18.81 5.58
N HIS A 154 -7.88 18.98 4.54
CA HIS A 154 -6.60 19.69 4.65
C HIS A 154 -6.50 20.87 3.67
N ALA B 3 11.09 15.22 19.52
CA ALA B 3 10.63 13.96 20.19
C ALA B 3 11.76 12.93 20.28
N LEU B 4 12.02 12.44 21.49
CA LEU B 4 12.97 11.35 21.63
C LEU B 4 12.28 10.02 21.35
N LYS B 5 12.87 9.18 20.52
CA LYS B 5 12.28 7.89 20.13
C LYS B 5 13.12 6.71 20.61
N PHE B 6 12.52 5.52 20.64
CA PHE B 6 13.18 4.35 21.23
C PHE B 6 12.91 3.12 20.37
N GLU B 7 12.88 3.31 19.06
CA GLU B 7 12.63 2.20 18.14
C GLU B 7 13.87 1.34 17.92
N ALA B 8 13.74 0.03 18.14
CA ALA B 8 14.87 -0.88 17.96
C ALA B 8 15.30 -0.86 16.52
N ASP B 9 16.61 -0.98 16.31
CA ASP B 9 17.21 -1.07 14.98
C ASP B 9 17.01 -2.50 14.46
N ARG B 10 16.54 -2.62 13.23
CA ARG B 10 16.32 -3.95 12.61
C ARG B 10 16.98 -4.05 11.25
N THR B 11 17.51 -2.93 10.76
N THR B 11 17.56 -2.94 10.80
CA THR B 11 18.27 -2.88 9.52
CA THR B 11 18.26 -2.86 9.53
C THR B 11 19.61 -2.25 9.87
C THR B 11 19.60 -2.16 9.78
N PHE B 12 20.67 -2.69 9.19
CA PHE B 12 22.06 -2.27 9.51
C PHE B 12 22.88 -2.03 8.24
N ALA B 13 23.47 -0.84 8.12
CA ALA B 13 24.32 -0.54 6.95
C ALA B 13 25.50 -1.50 6.91
N VAL B 14 25.87 -1.91 5.71
CA VAL B 14 27.10 -2.67 5.51
C VAL B 14 28.05 -1.69 4.80
N LYS B 15 29.20 -1.41 5.39
CA LYS B 15 30.04 -0.29 4.96
C LYS B 15 31.42 -0.74 4.52
N ASN B 16 32.00 -0.03 3.55
CA ASN B 16 33.41 -0.29 3.17
C ASN B 16 34.37 0.37 4.16
N GLU B 17 35.66 0.33 3.85
CA GLU B 17 36.70 0.80 4.78
C GLU B 17 36.60 2.28 5.08
N ASP B 18 36.09 3.06 4.13
CA ASP B 18 35.92 4.50 4.29
C ASP B 18 34.50 4.91 4.66
N GLY B 19 33.69 3.94 5.05
CA GLY B 19 32.35 4.24 5.54
C GLY B 19 31.26 4.35 4.50
N LYS B 20 31.56 4.04 3.25
CA LYS B 20 30.54 4.11 2.21
C LYS B 20 29.52 2.94 2.38
N ILE B 21 28.24 3.26 2.33
CA ILE B 21 27.20 2.23 2.48
C ILE B 21 27.09 1.43 1.18
N MET B 22 27.32 0.11 1.30
CA MET B 22 27.36 -0.77 0.14
C MET B 22 26.02 -1.53 0.04
N GLY B 23 25.27 -1.53 1.13
CA GLY B 23 24.01 -2.29 1.19
C GLY B 23 23.63 -2.46 2.63
N TYR B 24 22.69 -3.37 2.89
CA TYR B 24 22.08 -3.50 4.21
C TYR B 24 21.94 -4.93 4.65
N ALA B 25 21.99 -5.13 5.95
CA ALA B 25 21.60 -6.41 6.52
C ALA B 25 20.33 -6.17 7.31
N VAL B 26 19.54 -7.23 7.51
CA VAL B 26 18.37 -7.15 8.39
C VAL B 26 18.40 -8.25 9.45
N ALA B 27 17.76 -7.96 10.58
CA ALA B 27 17.48 -8.97 11.61
C ALA B 27 16.04 -9.44 11.36
N MET B 28 15.89 -10.73 11.03
CA MET B 28 14.58 -11.27 10.72
C MET B 28 14.49 -12.73 11.15
N GLU B 29 13.44 -13.06 11.90
CA GLU B 29 13.16 -14.42 12.37
C GLU B 29 14.41 -15.20 12.77
N GLY B 30 15.11 -14.67 13.74
CA GLY B 30 16.25 -15.36 14.36
C GLY B 30 17.56 -15.28 13.60
N LYS B 31 17.57 -14.60 12.43
CA LYS B 31 18.77 -14.49 11.58
C LYS B 31 19.15 -13.05 11.28
N VAL B 32 20.46 -12.80 11.10
CA VAL B 32 20.92 -11.62 10.34
C VAL B 32 21.10 -12.09 8.92
N ILE B 33 20.57 -11.33 7.97
CA ILE B 33 20.58 -11.73 6.59
C ILE B 33 21.07 -10.55 5.78
N LYS B 34 21.92 -10.83 4.80
CA LYS B 34 22.35 -9.78 3.87
C LYS B 34 22.60 -10.40 2.51
N PRO B 35 22.50 -9.59 1.44
CA PRO B 35 22.90 -10.14 0.17
C PRO B 35 24.38 -10.53 0.18
N LEU B 36 24.69 -11.67 -0.42
CA LEU B 36 26.08 -12.13 -0.47
C LEU B 36 26.95 -11.13 -1.24
N HIS B 37 26.44 -10.59 -2.33
CA HIS B 37 27.20 -9.72 -3.22
C HIS B 37 27.58 -8.37 -2.57
N VAL B 38 26.92 -8.02 -1.47
CA VAL B 38 27.23 -6.79 -0.76
C VAL B 38 28.45 -6.98 0.14
N LYS B 39 29.57 -6.35 -0.22
CA LYS B 39 30.82 -6.58 0.52
C LYS B 39 31.13 -5.45 1.47
N GLY B 40 31.48 -5.80 2.71
CA GLY B 40 31.86 -4.83 3.71
C GLY B 40 31.55 -5.30 5.10
N THR B 41 31.54 -4.36 6.04
CA THR B 41 31.36 -4.68 7.45
C THR B 41 30.01 -4.14 7.93
N ILE B 42 29.18 -5.02 8.48
CA ILE B 42 27.94 -4.61 9.11
C ILE B 42 28.24 -3.62 10.25
N ASP B 43 27.55 -2.48 10.23
CA ASP B 43 27.79 -1.43 11.21
C ASP B 43 27.00 -1.70 12.47
N HIS B 44 27.39 -2.77 13.14
CA HIS B 44 26.83 -3.18 14.40
C HIS B 44 27.88 -4.07 15.06
N PRO B 45 28.34 -3.66 16.27
CA PRO B 45 29.48 -4.38 16.85
C PRO B 45 29.23 -5.89 17.05
N ALA B 46 28.04 -6.27 17.51
CA ALA B 46 27.74 -7.69 17.79
C ALA B 46 27.52 -8.50 16.51
N LEU B 47 26.97 -7.86 15.47
CA LEU B 47 26.71 -8.56 14.22
C LEU B 47 27.96 -8.77 13.37
N ALA B 48 28.88 -7.82 13.43
CA ALA B 48 30.10 -7.82 12.64
C ALA B 48 31.05 -8.97 12.99
N LYS B 49 31.00 -9.42 14.24
CA LYS B 49 31.86 -10.52 14.76
C LYS B 49 31.41 -11.89 14.25
N LEU B 50 30.14 -12.03 13.88
CA LEU B 50 29.52 -13.34 13.65
C LEU B 50 30.12 -14.10 12.47
N LYS B 51 29.98 -15.42 12.51
CA LYS B 51 30.33 -16.27 11.38
C LYS B 51 29.13 -16.45 10.45
N PHE B 52 29.30 -16.02 9.20
CA PHE B 52 28.23 -16.10 8.23
C PHE B 52 28.36 -17.35 7.37
N THR B 53 27.20 -17.91 7.04
CA THR B 53 27.11 -18.99 6.06
C THR B 53 26.69 -18.40 4.72
N LYS B 54 27.34 -18.80 3.65
CA LYS B 54 27.06 -18.27 2.30
C LYS B 54 26.08 -19.14 1.52
N SER B 55 25.12 -18.51 0.86
CA SER B 55 24.24 -19.23 -0.02
C SER B 55 24.24 -18.54 -1.39
N SER B 56 25.17 -18.95 -2.24
CA SER B 56 25.39 -18.25 -3.50
C SER B 56 24.21 -18.36 -4.43
N SER B 57 23.47 -19.49 -4.41
CA SER B 57 22.33 -19.60 -5.33
C SER B 57 21.19 -18.64 -4.97
N TYR B 58 21.12 -18.20 -3.71
CA TYR B 58 20.12 -17.20 -3.29
C TYR B 58 20.69 -15.78 -3.14
N ASP B 59 21.99 -15.62 -3.42
CA ASP B 59 22.72 -14.37 -3.17
C ASP B 59 22.48 -13.88 -1.74
N MET B 60 22.59 -14.80 -0.79
CA MET B 60 22.42 -14.42 0.60
C MET B 60 23.56 -14.97 1.42
N GLU B 61 23.85 -14.27 2.51
CA GLU B 61 24.62 -14.87 3.61
C GLU B 61 23.97 -14.50 4.91
N PHE B 62 24.12 -15.35 5.91
CA PHE B 62 23.31 -15.22 7.09
C PHE B 62 24.05 -15.80 8.26
N ALA B 63 23.63 -15.37 9.45
CA ALA B 63 24.13 -15.92 10.68
C ALA B 63 23.00 -15.91 11.70
N LYS B 64 23.13 -16.74 12.73
CA LYS B 64 22.23 -16.74 13.85
C LYS B 64 22.34 -15.42 14.62
N LEU B 65 21.20 -14.82 14.96
CA LEU B 65 21.19 -13.57 15.73
C LEU B 65 21.69 -13.81 17.15
N PRO B 66 22.44 -12.84 17.72
CA PRO B 66 22.67 -12.82 19.16
C PRO B 66 21.35 -12.93 19.87
N THR B 67 21.30 -13.75 20.90
CA THR B 67 20.03 -14.09 21.52
C THR B 67 19.26 -12.84 22.00
N GLU B 68 19.99 -11.82 22.43
CA GLU B 68 19.38 -10.59 22.91
C GLU B 68 18.72 -9.75 21.79
N MET B 69 19.16 -9.97 20.55
CA MET B 69 18.53 -9.30 19.39
C MET B 69 17.27 -9.98 18.85
N LYS B 70 17.05 -11.25 19.22
CA LYS B 70 15.93 -12.04 18.63
C LYS B 70 14.56 -11.38 18.75
N SER B 71 14.25 -10.84 19.92
CA SER B 71 12.93 -10.28 20.17
C SER B 71 12.66 -9.01 19.35
N ASP B 72 13.71 -8.36 18.85
CA ASP B 72 13.54 -7.15 18.04
C ASP B 72 13.50 -7.39 16.54
N ALA B 73 13.70 -8.64 16.12
CA ALA B 73 13.78 -8.94 14.70
C ALA B 73 12.47 -8.71 13.96
N PHE B 74 12.55 -8.42 12.67
CA PHE B 74 11.35 -8.42 11.85
C PHE B 74 10.70 -9.80 11.87
N GLY B 75 9.37 -9.83 11.73
CA GLY B 75 8.67 -11.05 11.28
C GLY B 75 8.56 -11.03 9.76
N TYR B 76 8.53 -12.22 9.16
CA TYR B 76 8.28 -12.36 7.73
C TYR B 76 6.83 -12.78 7.50
N THR B 77 6.20 -12.37 6.40
CA THR B 77 4.92 -12.95 6.00
C THR B 77 4.94 -13.40 4.55
N THR B 78 4.38 -14.57 4.28
CA THR B 78 4.33 -15.10 2.94
C THR B 78 3.26 -14.40 2.11
N GLU B 79 2.36 -13.71 2.77
CA GLU B 79 1.23 -13.12 2.08
C GLU B 79 1.60 -11.77 1.46
N HIS B 80 1.58 -11.74 0.13
CA HIS B 80 1.82 -10.51 -0.59
C HIS B 80 0.84 -10.30 -1.76
N PRO B 81 -0.44 -10.07 -1.43
CA PRO B 81 -1.43 -9.75 -2.46
C PRO B 81 -0.98 -8.57 -3.33
N GLU B 82 -1.47 -8.49 -4.56
CA GLU B 82 -1.27 -7.31 -5.39
C GLU B 82 -1.67 -6.02 -4.65
N GLY B 83 -0.92 -4.96 -4.89
CA GLY B 83 -1.20 -3.67 -4.24
C GLY B 83 0.08 -2.88 -4.07
N PHE B 84 0.19 -2.16 -2.95
CA PHE B 84 1.40 -1.37 -2.67
C PHE B 84 1.93 -1.68 -1.28
N TYR B 85 3.24 -1.57 -1.20
CA TYR B 85 4.02 -1.92 -0.02
C TYR B 85 4.95 -0.78 0.31
N ASN B 86 5.72 -0.95 1.39
CA ASN B 86 6.58 0.11 1.90
C ASN B 86 8.06 -0.24 1.79
N TRP B 87 8.90 0.74 1.44
CA TRP B 87 10.34 0.59 1.75
C TRP B 87 10.94 1.94 2.07
N HIS B 88 12.22 1.98 2.42
CA HIS B 88 12.87 3.22 2.85
C HIS B 88 12.64 4.39 1.91
N HIS B 89 12.52 4.12 0.61
CA HIS B 89 12.49 5.22 -0.38
C HIS B 89 11.10 5.55 -0.92
N GLY B 90 10.05 4.97 -0.35
CA GLY B 90 8.68 5.30 -0.75
C GLY B 90 7.84 4.05 -0.97
N ALA B 91 7.05 4.05 -2.02
CA ALA B 91 6.12 2.95 -2.26
C ALA B 91 6.72 1.93 -3.20
N VAL B 92 6.42 0.67 -2.92
CA VAL B 92 6.81 -0.45 -3.78
C VAL B 92 5.53 -1.11 -4.30
N GLN B 93 5.41 -1.19 -5.62
CA GLN B 93 4.23 -1.83 -6.18
C GLN B 93 4.44 -3.33 -6.26
N PHE B 94 3.38 -4.10 -6.01
CA PHE B 94 3.42 -5.50 -6.37
C PHE B 94 2.28 -5.75 -7.33
N SER B 95 2.67 -6.04 -8.56
CA SER B 95 1.68 -6.19 -9.64
CA SER B 95 1.69 -6.20 -9.62
C SER B 95 2.27 -7.06 -10.72
N GLY B 96 1.42 -7.87 -11.34
CA GLY B 96 1.86 -8.80 -12.40
C GLY B 96 3.00 -9.69 -11.96
N GLY B 97 2.97 -10.13 -10.70
CA GLY B 97 4.02 -10.98 -10.13
C GLY B 97 5.38 -10.35 -9.81
N ARG B 98 5.48 -9.02 -9.83
CA ARG B 98 6.78 -8.35 -9.67
C ARG B 98 6.67 -7.15 -8.75
N PHE B 99 7.73 -6.88 -7.99
CA PHE B 99 7.85 -5.68 -7.20
C PHE B 99 8.51 -4.64 -8.07
N THR B 100 7.87 -3.47 -8.19
CA THR B 100 8.49 -2.37 -8.91
C THR B 100 8.51 -1.07 -8.08
N ILE B 101 9.44 -0.18 -8.42
CA ILE B 101 9.52 1.15 -7.82
C ILE B 101 9.61 2.18 -8.95
N PRO B 102 9.32 3.46 -8.66
CA PRO B 102 9.65 4.44 -9.68
C PRO B 102 11.17 4.52 -9.83
N THR B 103 11.67 4.56 -11.06
CA THR B 103 13.10 4.73 -11.29
C THR B 103 13.62 5.96 -10.55
N GLY B 104 14.77 5.81 -9.92
CA GLY B 104 15.38 6.92 -9.18
C GLY B 104 14.94 7.06 -7.73
N ALA B 105 14.06 6.16 -7.26
CA ALA B 105 13.61 6.25 -5.86
C ALA B 105 14.79 6.11 -4.91
N GLY B 106 15.72 5.21 -5.24
CA GLY B 106 16.78 4.87 -4.32
C GLY B 106 18.13 5.05 -4.98
N GLY B 107 19.08 4.18 -4.61
CA GLY B 107 20.41 4.26 -5.22
C GLY B 107 21.18 2.93 -5.16
N PRO B 108 22.46 2.97 -5.55
CA PRO B 108 23.23 1.71 -5.59
C PRO B 108 23.43 1.04 -4.23
N GLY B 109 23.31 1.79 -3.14
CA GLY B 109 23.45 1.18 -1.80
C GLY B 109 22.24 0.47 -1.20
N ASP B 110 21.19 0.22 -2.00
CA ASP B 110 19.93 -0.30 -1.44
C ASP B 110 19.79 -1.81 -1.35
N SER B 111 20.76 -2.56 -1.84
CA SER B 111 20.68 -4.02 -1.77
CA SER B 111 20.70 -4.02 -1.79
C SER B 111 20.66 -4.46 -0.32
N GLY B 112 19.71 -5.31 0.02
CA GLY B 112 19.53 -5.79 1.40
C GLY B 112 18.37 -5.17 2.16
N ARG B 113 17.84 -4.06 1.66
CA ARG B 113 16.73 -3.39 2.33
C ARG B 113 15.48 -4.26 2.25
N PRO B 114 14.66 -4.30 3.33
CA PRO B 114 13.38 -5.03 3.26
C PRO B 114 12.23 -4.25 2.58
N ILE B 115 11.28 -4.99 2.04
CA ILE B 115 9.99 -4.42 1.63
C ILE B 115 8.96 -4.87 2.67
N LEU B 116 8.15 -3.94 3.16
CA LEU B 116 7.29 -4.20 4.34
C LEU B 116 5.82 -3.97 4.03
N ASP B 117 4.93 -4.76 4.65
CA ASP B 117 3.50 -4.46 4.56
C ASP B 117 3.12 -3.43 5.63
N ASN B 118 1.88 -2.95 5.63
CA ASN B 118 1.53 -1.87 6.57
C ASN B 118 1.60 -2.29 8.04
N SER B 119 1.56 -3.60 8.28
CA SER B 119 1.71 -4.11 9.64
C SER B 119 3.17 -4.21 10.10
N GLY B 120 4.14 -3.87 9.24
CA GLY B 120 5.55 -3.92 9.62
C GLY B 120 6.21 -5.27 9.37
N LYS B 121 5.51 -6.21 8.71
CA LYS B 121 6.10 -7.52 8.38
C LYS B 121 6.87 -7.43 7.10
N VAL B 122 7.98 -8.14 7.01
CA VAL B 122 8.74 -8.23 5.78
C VAL B 122 8.04 -9.14 4.78
N VAL B 123 7.91 -8.67 3.54
CA VAL B 123 7.40 -9.50 2.45
C VAL B 123 8.48 -9.94 1.47
N ALA B 124 9.58 -9.19 1.41
CA ALA B 124 10.66 -9.50 0.46
C ALA B 124 11.90 -8.75 0.87
N ILE B 125 13.04 -9.26 0.45
CA ILE B 125 14.33 -8.56 0.60
C ILE B 125 14.82 -8.19 -0.78
N VAL B 126 15.20 -6.92 -0.94
CA VAL B 126 15.69 -6.42 -2.21
C VAL B 126 17.12 -6.91 -2.49
N LEU B 127 17.33 -7.48 -3.69
CA LEU B 127 18.71 -7.83 -4.09
C LEU B 127 19.30 -6.82 -5.09
N GLY B 128 18.44 -6.26 -5.92
CA GLY B 128 18.89 -5.40 -6.99
C GLY B 128 17.71 -4.92 -7.77
N GLY B 129 18.00 -4.17 -8.84
CA GLY B 129 16.96 -3.56 -9.64
C GLY B 129 17.36 -3.55 -11.10
N ALA B 130 16.36 -3.61 -11.97
CA ALA B 130 16.57 -3.45 -13.41
C ALA B 130 15.73 -2.28 -13.91
N ASN B 131 16.43 -1.27 -14.43
CA ASN B 131 15.80 -0.08 -14.97
C ASN B 131 14.99 -0.39 -16.23
N GLU B 132 13.69 -0.16 -16.18
CA GLU B 132 12.86 -0.36 -17.37
C GLU B 132 12.31 0.97 -17.90
N GLY B 133 12.95 2.07 -17.51
CA GLY B 133 12.49 3.41 -17.91
C GLY B 133 11.86 4.17 -16.76
N ALA B 134 10.53 4.28 -16.79
CA ALA B 134 9.79 4.97 -15.75
C ALA B 134 9.83 4.18 -14.44
N ARG B 135 9.83 2.86 -14.57
CA ARG B 135 9.88 1.97 -13.39
C ARG B 135 11.10 1.09 -13.40
N THR B 136 11.50 0.66 -12.21
CA THR B 136 12.59 -0.28 -12.03
C THR B 136 12.01 -1.55 -11.40
N ALA B 137 12.32 -2.71 -12.00
CA ALA B 137 11.81 -3.98 -11.49
C ALA B 137 12.83 -4.54 -10.52
N LEU B 138 12.37 -4.89 -9.32
CA LEU B 138 13.26 -5.34 -8.25
C LEU B 138 13.50 -6.87 -8.29
N SER B 139 14.77 -7.24 -8.16
CA SER B 139 15.17 -8.62 -7.89
CA SER B 139 15.16 -8.63 -7.89
C SER B 139 15.06 -8.80 -6.39
N VAL B 140 14.34 -9.82 -5.96
CA VAL B 140 14.07 -10.02 -4.53
C VAL B 140 14.25 -11.46 -4.11
N VAL B 141 14.50 -11.65 -2.82
CA VAL B 141 14.29 -12.97 -2.20
C VAL B 141 12.96 -12.95 -1.44
N THR B 142 12.16 -13.99 -1.64
CA THR B 142 10.94 -14.23 -0.85
C THR B 142 11.00 -15.68 -0.36
N TRP B 143 10.09 -16.04 0.54
CA TRP B 143 9.94 -17.40 1.06
C TRP B 143 8.47 -17.81 0.97
N ASN B 144 8.22 -19.11 0.74
CA ASN B 144 6.85 -19.60 0.70
C ASN B 144 6.43 -20.24 2.04
N LYS B 145 5.21 -20.79 2.09
CA LYS B 145 4.67 -21.38 3.34
C LYS B 145 5.49 -22.55 3.88
N LYS B 146 6.20 -23.24 2.97
CA LYS B 146 7.09 -24.34 3.37
C LYS B 146 8.47 -23.85 3.82
N GLY B 147 8.67 -22.52 3.80
CA GLY B 147 9.94 -21.92 4.25
C GLY B 147 11.02 -21.92 3.19
N ALA B 148 10.66 -22.32 1.97
CA ALA B 148 11.62 -22.41 0.88
C ALA B 148 11.90 -21.04 0.33
N ALA B 149 13.18 -20.75 0.12
CA ALA B 149 13.63 -19.47 -0.43
C ALA B 149 13.41 -19.44 -1.95
N ILE B 150 13.03 -18.26 -2.45
CA ILE B 150 12.73 -18.09 -3.87
C ILE B 150 13.43 -16.79 -4.32
N LYS B 151 14.34 -16.91 -5.28
CA LYS B 151 15.01 -15.73 -5.81
C LYS B 151 14.48 -15.43 -7.18
N THR B 152 14.00 -14.20 -7.36
CA THR B 152 13.39 -13.81 -8.62
C THR B 152 14.22 -12.68 -9.18
N THR B 153 14.96 -12.97 -10.25
CA THR B 153 15.82 -11.98 -10.92
C THR B 153 15.18 -11.52 -12.23
N HIS B 154 15.12 -10.20 -12.45
CA HIS B 154 14.58 -9.63 -13.70
C HIS B 154 15.70 -9.07 -14.56
#